data_3N8L
#
_entry.id   3N8L
#
_cell.length_a   49.703
_cell.length_b   67.836
_cell.length_c   75.245
_cell.angle_alpha   90.000
_cell.angle_beta   90.000
_cell.angle_gamma   90.000
#
_symmetry.space_group_name_H-M   'P 21 21 21'
#
loop_
_entity.id
_entity.type
_entity.pdbx_description
1 polymer Beta-lactamase
2 non-polymer 'PHOSPHATE ION'
3 non-polymer '(2R,4S)-2-[(1R)-1-{[(2R)-2-amino-2-phenylacetyl]amino}-2-oxoethyl]-5,5-dimethyl-1,3-thiazolidine-4-carboxylic acid'
4 water water
#
_entity_poly.entity_id   1
_entity_poly.type   'polypeptide(L)'
_entity_poly.pdbx_seq_one_letter_code
;DLADRFAELERRYDARLGVYVPATGTTAAIEYRADERFAFCSTFKAPLVAAVLHQNPLTHLDKLITYTSDDIRSISPVAQ
QHVQTGMTIGQLCDAAIRYSDGTAANLLLADLGGPGGGTAAFTGYLRSLGDTVSRLDAEAPELNRDPPGDERDTTTPHAI
ALVLQQLVLGNALPPDKRALLTDWMARNTTGAKRIRAGFPADWKVIDKTGTGDYGRANDIAVVWSPTGVPYVVAVMSDRA
GGGYDAEPREALLAEAATCVAGVLA
;
_entity_poly.pdbx_strand_id   A
#
# COMPACT_ATOMS: atom_id res chain seq x y z
N ASP A 1 16.69 22.21 2.67
CA ASP A 1 16.19 21.74 1.33
C ASP A 1 15.69 20.28 1.43
N LEU A 2 14.46 20.00 0.78
CA LEU A 2 13.89 18.64 0.84
C LEU A 2 14.78 17.54 0.29
N ALA A 3 15.28 17.73 -0.90
CA ALA A 3 16.13 16.70 -1.48
C ALA A 3 17.33 16.44 -0.58
N ASP A 4 17.91 17.50 -0.03
CA ASP A 4 19.00 17.35 0.94
C ASP A 4 18.57 16.59 2.19
N ARG A 5 17.36 16.86 2.71
CA ARG A 5 16.88 16.16 3.88
C ARG A 5 16.64 14.68 3.58
N PHE A 6 16.08 14.40 2.44
CA PHE A 6 15.85 13.02 2.07
C PHE A 6 17.18 12.26 1.89
N ALA A 7 18.17 12.89 1.27
CA ALA A 7 19.49 12.27 1.13
C ALA A 7 20.13 12.03 2.50
N GLU A 8 19.97 12.98 3.42
CA GLU A 8 20.46 12.81 4.80
C GLU A 8 19.81 11.58 5.46
N LEU A 9 18.51 11.39 5.24
CA LEU A 9 17.83 10.22 5.79
C LEU A 9 18.34 8.92 5.20
N GLU A 10 18.61 8.90 3.90
CA GLU A 10 19.21 7.70 3.29
C GLU A 10 20.52 7.34 3.96
N ARG A 11 21.35 8.34 4.22
CA ARG A 11 22.62 8.05 4.87
C ARG A 11 22.41 7.56 6.30
N ARG A 12 21.45 8.16 7.00
CA ARG A 12 21.19 7.82 8.41
C ARG A 12 20.73 6.38 8.57
N TYR A 13 19.93 5.92 7.63
CA TYR A 13 19.31 4.61 7.74
C TYR A 13 19.93 3.60 6.78
N ASP A 14 21.03 3.96 6.12
CA ASP A 14 21.68 3.09 5.10
C ASP A 14 20.61 2.53 4.17
N ALA A 15 19.86 3.45 3.56
CA ALA A 15 18.64 3.08 2.89
C ALA A 15 18.54 3.79 1.55
N ARG A 16 17.64 3.28 0.75
CA ARG A 16 17.17 3.96 -0.44
C ARG A 16 15.74 4.39 -0.16
N LEU A 17 15.46 5.67 -0.36
CA LEU A 17 14.16 6.26 -0.06
C LEU A 17 13.52 6.82 -1.31
N GLY A 18 12.23 6.57 -1.45
CA GLY A 18 11.46 7.09 -2.55
C GLY A 18 10.23 7.80 -2.01
N VAL A 19 9.96 8.98 -2.54
CA VAL A 19 8.83 9.81 -2.06
C VAL A 19 8.09 10.42 -3.25
N TYR A 20 6.76 10.39 -3.22
CA TYR A 20 5.99 11.17 -4.17
C TYR A 20 4.75 11.73 -3.53
N VAL A 21 4.54 13.02 -3.76
CA VAL A 21 3.29 13.70 -3.45
C VAL A 21 2.84 14.38 -4.74
N PRO A 22 1.68 13.99 -5.30
CA PRO A 22 1.22 14.64 -6.53
C PRO A 22 0.98 16.14 -6.35
N ALA A 23 1.13 16.87 -7.45
CA ALA A 23 0.82 18.29 -7.48
C ALA A 23 -0.65 18.53 -7.14
N THR A 24 -0.91 19.65 -6.49
CA THR A 24 -2.27 20.06 -6.18
C THR A 24 -2.54 21.44 -6.74
N GLY A 25 -3.62 22.04 -6.26
CA GLY A 25 -3.96 23.43 -6.56
C GLY A 25 -2.79 24.41 -6.49
N THR A 26 -2.04 24.35 -5.41
CA THR A 26 -1.03 25.38 -5.12
C THR A 26 0.33 24.79 -4.72
N THR A 27 0.47 23.48 -4.79
CA THR A 27 1.75 22.86 -4.44
C THR A 27 2.27 22.08 -5.62
N ALA A 28 3.56 22.23 -5.88
CA ALA A 28 4.25 21.40 -6.84
C ALA A 28 4.33 19.97 -6.31
N ALA A 29 4.46 19.03 -7.23
CA ALA A 29 4.73 17.66 -6.83
C ALA A 29 6.01 17.61 -6.00
N ILE A 30 6.00 16.78 -4.97
CA ILE A 30 7.21 16.47 -4.25
C ILE A 30 7.69 15.12 -4.80
N GLU A 31 8.95 15.06 -5.21
CA GLU A 31 9.48 13.83 -5.78
C GLU A 31 10.91 13.58 -5.37
N TYR A 32 11.18 12.37 -4.91
CA TYR A 32 12.54 11.96 -4.60
C TYR A 32 12.65 10.49 -4.96
N ARG A 33 13.53 10.17 -5.92
CA ARG A 33 13.59 8.81 -6.49
C ARG A 33 12.21 8.29 -6.87
N ALA A 34 11.32 9.19 -7.29
CA ALA A 34 9.90 8.83 -7.41
C ALA A 34 9.59 7.88 -8.55
N ASP A 35 10.49 7.80 -9.54
CA ASP A 35 10.30 6.91 -10.69
C ASP A 35 11.17 5.67 -10.62
N GLU A 36 11.87 5.49 -9.50
CA GLU A 36 12.60 4.25 -9.31
C GLU A 36 11.63 3.20 -8.79
N ARG A 37 11.85 1.95 -9.20
CA ARG A 37 11.02 0.84 -8.72
C ARG A 37 11.37 0.45 -7.28
N PHE A 38 10.32 0.16 -6.51
CA PHE A 38 10.45 -0.41 -5.15
C PHE A 38 9.40 -1.50 -5.08
N ALA A 39 9.70 -2.55 -4.31
CA ALA A 39 8.71 -3.61 -4.07
C ALA A 39 7.41 -3.02 -3.51
N PHE A 40 6.27 -3.46 -4.05
CA PHE A 40 4.97 -3.14 -3.45
C PHE A 40 4.95 -3.53 -1.98
N CYS A 41 5.45 -4.73 -1.70
CA CYS A 41 5.08 -5.42 -0.45
C CYS A 41 3.56 -5.31 -0.28
N SER A 42 3.08 -5.15 0.95
CA SER A 42 1.64 -5.22 1.18
C SER A 42 0.85 -4.02 0.72
N THR A 43 1.51 -3.00 0.19
CA THR A 43 0.76 -1.83 -0.28
C THR A 43 -0.19 -2.17 -1.41
N PHE A 44 0.07 -3.28 -2.10
CA PHE A 44 -0.80 -3.67 -3.21
C PHE A 44 -2.20 -3.99 -2.73
N LYS A 45 -2.37 -4.26 -1.42
CA LYS A 45 -3.65 -4.70 -0.93
C LYS A 45 -4.72 -3.62 -1.03
N ALA A 46 -4.32 -2.35 -1.01
CA ALA A 46 -5.26 -1.26 -1.19
C ALA A 46 -5.89 -1.27 -2.60
N PRO A 47 -5.08 -1.20 -3.66
CA PRO A 47 -5.74 -1.36 -4.97
C PRO A 47 -6.36 -2.74 -5.21
N LEU A 48 -5.87 -3.77 -4.53
CA LEU A 48 -6.50 -5.10 -4.65
C LEU A 48 -7.95 -5.05 -4.17
N VAL A 49 -8.17 -4.45 -3.01
CA VAL A 49 -9.52 -4.31 -2.48
C VAL A 49 -10.37 -3.45 -3.43
N ALA A 50 -9.79 -2.38 -3.95
CA ALA A 50 -10.47 -1.58 -4.96
C ALA A 50 -10.89 -2.44 -6.15
N ALA A 51 -9.99 -3.27 -6.65
CA ALA A 51 -10.31 -4.12 -7.80
C ALA A 51 -11.48 -5.06 -7.49
N VAL A 52 -11.45 -5.70 -6.32
CA VAL A 52 -12.52 -6.63 -5.95
C VAL A 52 -13.85 -5.90 -5.77
N LEU A 53 -13.81 -4.73 -5.13
CA LEU A 53 -15.01 -3.90 -4.99
C LEU A 53 -15.55 -3.53 -6.36
N HIS A 54 -14.68 -3.05 -7.24
CA HIS A 54 -15.09 -2.60 -8.56
C HIS A 54 -15.73 -3.73 -9.39
N GLN A 55 -15.16 -4.92 -9.25
CA GLN A 55 -15.50 -6.04 -10.09
C GLN A 55 -16.88 -6.64 -9.81
N ASN A 56 -17.44 -6.37 -8.63
CA ASN A 56 -18.60 -7.09 -8.13
C ASN A 56 -19.66 -6.18 -7.56
N PRO A 57 -20.90 -6.67 -7.50
CA PRO A 57 -21.92 -5.93 -6.75
C PRO A 57 -21.48 -5.77 -5.31
N LEU A 58 -21.99 -4.75 -4.65
CA LEU A 58 -21.58 -4.46 -3.30
C LEU A 58 -21.84 -5.63 -2.38
N THR A 59 -22.95 -6.34 -2.57
CA THR A 59 -23.28 -7.44 -1.67
C THR A 59 -22.43 -8.72 -1.88
N HIS A 60 -21.54 -8.70 -2.86
CA HIS A 60 -20.47 -9.71 -2.91
C HIS A 60 -19.66 -9.70 -1.60
N LEU A 61 -19.65 -8.56 -0.89
CA LEU A 61 -19.02 -8.48 0.42
C LEU A 61 -19.53 -9.54 1.39
N ASP A 62 -20.74 -10.04 1.15
CA ASP A 62 -21.36 -10.96 2.09
C ASP A 62 -21.12 -12.42 1.74
N LYS A 63 -20.41 -12.67 0.63
CA LYS A 63 -20.10 -14.03 0.22
C LYS A 63 -19.07 -14.66 1.15
N LEU A 64 -19.38 -15.85 1.64
CA LEU A 64 -18.49 -16.58 2.53
C LEU A 64 -17.46 -17.36 1.75
N ILE A 65 -16.19 -17.12 2.10
CA ILE A 65 -15.08 -17.83 1.47
C ILE A 65 -14.48 -18.82 2.44
N THR A 66 -14.32 -20.05 1.97
CA THR A 66 -13.71 -21.12 2.76
C THR A 66 -12.27 -21.36 2.33
N TYR A 67 -11.46 -21.81 3.27
CA TYR A 67 -10.05 -22.08 3.00
C TYR A 67 -9.55 -23.08 4.03
N THR A 68 -8.28 -23.49 3.94
CA THR A 68 -7.79 -24.62 4.74
C THR A 68 -6.42 -24.35 5.39
N SER A 69 -5.90 -25.32 6.14
CA SER A 69 -4.61 -25.16 6.82
C SER A 69 -3.47 -24.79 5.87
N ASP A 70 -3.45 -25.42 4.69
CA ASP A 70 -2.36 -25.17 3.76
C ASP A 70 -2.46 -23.83 3.04
N ASP A 71 -3.49 -23.05 3.35
CA ASP A 71 -3.61 -21.68 2.81
C ASP A 71 -2.94 -20.66 3.70
N ILE A 72 -2.57 -21.03 4.92
CA ILE A 72 -1.88 -20.09 5.77
C ILE A 72 -0.39 -20.16 5.60
N ARG A 73 0.14 -19.25 4.80
CA ARG A 73 1.50 -19.35 4.28
C ARG A 73 2.29 -18.07 4.54
N SER A 74 1.70 -17.15 5.29
CA SER A 74 2.24 -15.80 5.44
C SER A 74 1.58 -15.18 6.67
N ILE A 75 2.09 -14.06 7.14
CA ILE A 75 1.52 -13.39 8.30
C ILE A 75 0.04 -13.08 8.03
N SER A 76 -0.83 -13.58 8.90
CA SER A 76 -2.27 -13.58 8.65
C SER A 76 -3.01 -13.50 9.99
N PRO A 77 -2.95 -12.35 10.66
CA PRO A 77 -3.42 -12.24 12.05
C PRO A 77 -4.89 -12.58 12.19
N VAL A 78 -5.68 -12.29 11.16
CA VAL A 78 -7.12 -12.53 11.21
C VAL A 78 -7.47 -13.89 10.62
N ALA A 79 -6.98 -14.17 9.42
CA ALA A 79 -7.35 -15.43 8.74
C ALA A 79 -6.92 -16.69 9.50
N GLN A 80 -5.78 -16.62 10.21
CA GLN A 80 -5.32 -17.75 11.05
C GLN A 80 -6.45 -18.35 11.88
N GLN A 81 -7.36 -17.49 12.30
CA GLN A 81 -8.42 -17.90 13.22
C GLN A 81 -9.69 -18.45 12.58
N HIS A 82 -9.85 -18.41 11.25
CA HIS A 82 -11.14 -18.63 10.65
C HIS A 82 -11.10 -19.69 9.61
N VAL A 83 -10.14 -20.59 9.71
CA VAL A 83 -10.05 -21.72 8.79
C VAL A 83 -11.36 -22.52 8.74
N GLN A 84 -11.91 -22.81 9.92
CA GLN A 84 -13.14 -23.59 10.04
C GLN A 84 -14.36 -22.85 9.57
N THR A 85 -14.49 -21.60 9.99
CA THR A 85 -15.68 -20.78 9.72
C THR A 85 -15.68 -20.26 8.29
N GLY A 86 -14.51 -19.94 7.79
CA GLY A 86 -14.40 -19.20 6.56
C GLY A 86 -14.62 -17.73 6.88
N MET A 87 -14.33 -16.88 5.92
CA MET A 87 -14.43 -15.44 6.07
C MET A 87 -15.21 -14.86 4.89
N THR A 88 -16.04 -13.87 5.14
CA THR A 88 -16.73 -13.23 4.03
C THR A 88 -15.74 -12.37 3.22
N ILE A 89 -16.09 -12.08 1.99
CA ILE A 89 -15.27 -11.14 1.20
C ILE A 89 -15.04 -9.83 1.94
N GLY A 90 -16.06 -9.29 2.61
CA GLY A 90 -15.91 -8.06 3.38
C GLY A 90 -14.93 -8.20 4.52
N GLN A 91 -15.02 -9.31 5.26
CA GLN A 91 -14.02 -9.62 6.29
C GLN A 91 -12.62 -9.75 5.71
N LEU A 92 -12.48 -10.36 4.53
CA LEU A 92 -11.17 -10.47 3.89
C LEU A 92 -10.60 -9.11 3.51
N CYS A 93 -11.45 -8.25 2.96
CA CYS A 93 -11.02 -6.88 2.64
C CYS A 93 -10.56 -6.14 3.89
N ASP A 94 -11.36 -6.23 4.95
CA ASP A 94 -11.05 -5.58 6.20
C ASP A 94 -9.68 -6.06 6.71
N ALA A 95 -9.48 -7.37 6.74
CA ALA A 95 -8.25 -7.95 7.27
C ALA A 95 -7.06 -7.60 6.37
N ALA A 96 -7.26 -7.64 5.05
CA ALA A 96 -6.17 -7.32 4.12
C ALA A 96 -5.68 -5.89 4.30
N ILE A 97 -6.60 -4.95 4.49
CA ILE A 97 -6.20 -3.56 4.66
C ILE A 97 -5.73 -3.26 6.08
N ARG A 98 -6.53 -3.65 7.08
CA ARG A 98 -6.32 -3.16 8.43
C ARG A 98 -5.29 -3.92 9.23
N TYR A 99 -5.10 -5.20 8.90
CA TYR A 99 -4.12 -6.03 9.58
C TYR A 99 -3.07 -6.56 8.63
N SER A 100 -3.15 -6.14 7.37
CA SER A 100 -2.25 -6.61 6.30
C SER A 100 -2.17 -8.13 6.26
N ASP A 101 -3.34 -8.76 6.28
CA ASP A 101 -3.41 -10.20 6.37
C ASP A 101 -3.07 -10.81 5.00
N GLY A 102 -2.02 -11.63 4.96
CA GLY A 102 -1.51 -12.16 3.71
C GLY A 102 -2.41 -13.23 3.10
N THR A 103 -2.97 -14.10 3.96
CA THR A 103 -3.92 -15.09 3.48
C THR A 103 -5.15 -14.39 2.91
N ALA A 104 -5.61 -13.34 3.61
CA ALA A 104 -6.77 -12.61 3.12
C ALA A 104 -6.50 -12.05 1.73
N ALA A 105 -5.34 -11.47 1.52
CA ALA A 105 -5.00 -10.95 0.22
C ALA A 105 -4.86 -11.99 -0.87
N ASN A 106 -4.27 -13.14 -0.49
CA ASN A 106 -4.19 -14.25 -1.44
C ASN A 106 -5.58 -14.74 -1.84
N LEU A 107 -6.50 -14.81 -0.88
CA LEU A 107 -7.87 -15.24 -1.19
C LEU A 107 -8.59 -14.21 -2.06
N LEU A 108 -8.31 -12.93 -1.83
CA LEU A 108 -8.89 -11.88 -2.67
C LEU A 108 -8.33 -11.92 -4.09
N LEU A 109 -7.04 -12.21 -4.24
CA LEU A 109 -6.46 -12.40 -5.54
C LEU A 109 -7.15 -13.55 -6.27
N ALA A 110 -7.39 -14.66 -5.57
CA ALA A 110 -8.09 -15.79 -6.17
C ALA A 110 -9.52 -15.43 -6.52
N ASP A 111 -10.16 -14.57 -5.72
CA ASP A 111 -11.51 -14.14 -6.03
C ASP A 111 -11.52 -13.32 -7.32
N LEU A 112 -10.54 -12.46 -7.48
CA LEU A 112 -10.41 -11.65 -8.69
C LEU A 112 -10.19 -12.57 -9.91
N GLY A 113 -9.33 -13.58 -9.73
CA GLY A 113 -9.27 -14.73 -10.62
C GLY A 113 -8.36 -14.54 -11.80
N GLY A 114 -8.35 -15.53 -12.67
CA GLY A 114 -7.55 -15.48 -13.89
C GLY A 114 -6.11 -15.93 -13.64
N PRO A 115 -5.25 -15.81 -14.66
CA PRO A 115 -3.88 -16.33 -14.59
C PRO A 115 -3.07 -15.78 -13.43
N GLY A 116 -2.10 -16.59 -13.00
CA GLY A 116 -1.21 -16.16 -11.94
C GLY A 116 -1.91 -16.02 -10.60
N GLY A 117 -2.95 -16.82 -10.39
CA GLY A 117 -3.73 -16.76 -9.16
C GLY A 117 -4.37 -15.42 -8.90
N GLY A 118 -4.64 -14.63 -9.96
CA GLY A 118 -5.19 -13.30 -9.79
C GLY A 118 -4.21 -12.16 -9.99
N THR A 119 -2.90 -12.44 -10.06
CA THR A 119 -1.93 -11.36 -10.17
C THR A 119 -2.01 -10.66 -11.51
N ALA A 120 -2.33 -11.40 -12.58
CA ALA A 120 -2.48 -10.78 -13.88
C ALA A 120 -3.70 -9.85 -13.90
N ALA A 121 -4.80 -10.29 -13.29
CA ALA A 121 -6.00 -9.43 -13.23
C ALA A 121 -5.76 -8.21 -12.35
N PHE A 122 -4.99 -8.38 -11.28
CA PHE A 122 -4.64 -7.23 -10.45
C PHE A 122 -3.87 -6.21 -11.28
N THR A 123 -2.87 -6.69 -12.02
CA THR A 123 -2.07 -5.81 -12.84
C THR A 123 -2.94 -5.14 -13.91
N GLY A 124 -3.87 -5.89 -14.50
CA GLY A 124 -4.81 -5.34 -15.47
C GLY A 124 -5.67 -4.24 -14.87
N TYR A 125 -6.04 -4.38 -13.60
CA TYR A 125 -6.80 -3.33 -12.93
C TYR A 125 -5.98 -2.04 -12.88
N LEU A 126 -4.70 -2.16 -12.51
CA LEU A 126 -3.83 -0.99 -12.51
C LEU A 126 -3.67 -0.37 -13.90
N ARG A 127 -3.56 -1.22 -14.93
CA ARG A 127 -3.48 -0.70 -16.29
C ARG A 127 -4.73 0.11 -16.64
N SER A 128 -5.89 -0.30 -16.12
CA SER A 128 -7.15 0.41 -16.41
C SER A 128 -7.18 1.80 -15.79
N LEU A 129 -6.30 2.02 -14.81
CA LEU A 129 -6.16 3.31 -14.16
C LEU A 129 -4.98 4.07 -14.74
N GLY A 130 -4.48 3.64 -15.89
CA GLY A 130 -3.40 4.37 -16.56
C GLY A 130 -1.99 4.10 -16.02
N ASP A 131 -1.87 3.14 -15.11
CA ASP A 131 -0.58 2.80 -14.54
C ASP A 131 0.06 1.72 -15.43
N THR A 132 1.03 2.15 -16.22
CA THR A 132 1.73 1.24 -17.15
C THR A 132 3.07 0.79 -16.56
N VAL A 133 3.29 1.10 -15.28
CA VAL A 133 4.55 0.84 -14.61
C VAL A 133 4.49 -0.36 -13.67
N SER A 134 3.50 -0.37 -12.78
CA SER A 134 3.47 -1.35 -11.71
C SER A 134 3.23 -2.76 -12.24
N ARG A 135 3.67 -3.75 -11.48
CA ARG A 135 3.38 -5.13 -11.85
C ARG A 135 3.35 -5.99 -10.60
N LEU A 136 2.40 -6.91 -10.56
CA LEU A 136 2.37 -7.93 -9.51
C LEU A 136 2.53 -9.27 -10.17
N ASP A 137 3.47 -10.05 -9.66
CA ASP A 137 3.87 -11.32 -10.27
C ASP A 137 3.69 -12.54 -9.38
N ALA A 138 3.62 -12.31 -8.07
CA ALA A 138 3.53 -13.40 -7.09
C ALA A 138 2.55 -13.00 -6.02
N GLU A 139 2.11 -13.97 -5.24
CA GLU A 139 1.32 -13.62 -4.07
C GLU A 139 2.15 -13.79 -2.82
N ALA A 140 1.50 -13.77 -1.66
CA ALA A 140 2.22 -13.91 -0.41
C ALA A 140 2.62 -15.38 -0.22
N PRO A 141 3.83 -15.66 0.32
CA PRO A 141 4.83 -14.72 0.84
C PRO A 141 5.86 -14.25 -0.17
N GLU A 142 5.83 -14.82 -1.37
CA GLU A 142 6.90 -14.56 -2.35
C GLU A 142 7.05 -13.11 -2.80
N LEU A 143 5.98 -12.36 -2.80
CA LEU A 143 6.06 -11.05 -3.39
C LEU A 143 6.95 -10.11 -2.64
N ASN A 144 7.31 -10.41 -1.42
CA ASN A 144 8.17 -9.52 -0.62
C ASN A 144 9.67 -9.86 -0.70
N ARG A 145 9.99 -10.89 -1.48
CA ARG A 145 11.31 -11.53 -1.46
C ARG A 145 12.20 -11.31 -2.68
N ASP A 146 11.73 -10.55 -3.66
CA ASP A 146 12.52 -10.42 -4.90
C ASP A 146 13.79 -9.67 -4.57
N PRO A 147 14.92 -10.03 -5.20
CA PRO A 147 16.15 -9.31 -4.91
C PRO A 147 16.04 -7.82 -5.22
N PRO A 148 16.78 -6.99 -4.47
CA PRO A 148 16.86 -5.57 -4.80
C PRO A 148 17.20 -5.38 -6.27
N GLY A 149 16.44 -4.48 -6.89
CA GLY A 149 16.62 -4.18 -8.32
C GLY A 149 15.73 -4.98 -9.26
N ASP A 150 15.31 -6.17 -8.84
CA ASP A 150 14.43 -7.01 -9.65
C ASP A 150 13.11 -6.26 -9.89
N GLU A 151 12.57 -6.38 -11.10
CA GLU A 151 11.36 -5.62 -11.40
C GLU A 151 10.08 -6.34 -11.03
N ARG A 152 10.15 -7.59 -10.68
CA ARG A 152 8.94 -8.29 -10.31
C ARG A 152 8.34 -7.72 -9.03
N ASP A 153 7.01 -7.64 -8.99
CA ASP A 153 6.30 -7.21 -7.78
C ASP A 153 6.66 -5.80 -7.37
N THR A 154 6.89 -4.92 -8.34
CA THR A 154 7.25 -3.53 -8.05
C THR A 154 6.24 -2.51 -8.51
N THR A 155 6.29 -1.36 -7.84
CA THR A 155 5.65 -0.16 -8.28
C THR A 155 6.69 0.95 -8.15
N THR A 156 6.27 2.20 -8.26
CA THR A 156 7.14 3.34 -7.98
C THR A 156 6.32 4.28 -7.12
N PRO A 157 7.00 5.15 -6.34
CA PRO A 157 6.22 6.09 -5.52
C PRO A 157 5.27 6.91 -6.39
N HIS A 158 5.75 7.34 -7.56
CA HIS A 158 4.93 8.10 -8.50
C HIS A 158 3.73 7.30 -8.96
N ALA A 159 3.95 6.07 -9.42
CA ALA A 159 2.85 5.26 -9.95
C ALA A 159 1.77 4.95 -8.92
N ILE A 160 2.19 4.52 -7.74
CA ILE A 160 1.22 4.13 -6.74
C ILE A 160 0.49 5.35 -6.16
N ALA A 161 1.14 6.50 -6.08
CA ALA A 161 0.44 7.71 -5.65
C ALA A 161 -0.66 8.09 -6.64
N LEU A 162 -0.40 7.98 -7.95
CA LEU A 162 -1.43 8.33 -8.93
C LEU A 162 -2.59 7.35 -8.88
N VAL A 163 -2.29 6.08 -8.64
CA VAL A 163 -3.35 5.08 -8.46
C VAL A 163 -4.17 5.41 -7.23
N LEU A 164 -3.52 5.62 -6.09
CA LEU A 164 -4.24 5.90 -4.85
C LEU A 164 -5.07 7.17 -4.96
N GLN A 165 -4.54 8.19 -5.62
CA GLN A 165 -5.29 9.41 -5.85
C GLN A 165 -6.61 9.10 -6.58
N GLN A 166 -6.55 8.31 -7.64
CA GLN A 166 -7.79 7.99 -8.37
C GLN A 166 -8.76 7.20 -7.52
N LEU A 167 -8.25 6.29 -6.69
CA LEU A 167 -9.13 5.43 -5.89
C LEU A 167 -9.86 6.18 -4.78
N VAL A 168 -9.16 7.08 -4.12
CA VAL A 168 -9.67 7.73 -2.92
C VAL A 168 -10.25 9.12 -3.22
N LEU A 169 -9.56 9.87 -4.06
CA LEU A 169 -9.96 11.24 -4.33
C LEU A 169 -10.76 11.34 -5.61
N GLY A 170 -10.37 10.58 -6.64
CA GLY A 170 -10.99 10.63 -7.95
C GLY A 170 -12.16 9.68 -8.09
N ASN A 171 -12.46 9.30 -9.33
CA ASN A 171 -13.69 8.59 -9.67
C ASN A 171 -13.48 7.16 -10.15
N ALA A 172 -12.38 6.54 -9.74
CA ALA A 172 -12.14 5.14 -10.10
C ALA A 172 -13.25 4.24 -9.57
N LEU A 173 -13.72 4.54 -8.37
CA LEU A 173 -14.79 3.77 -7.75
C LEU A 173 -16.03 4.63 -7.59
N PRO A 174 -17.23 4.02 -7.66
CA PRO A 174 -18.41 4.78 -7.30
C PRO A 174 -18.38 5.16 -5.82
N PRO A 175 -19.12 6.21 -5.43
CA PRO A 175 -19.01 6.72 -4.07
C PRO A 175 -19.18 5.67 -2.96
N ASP A 176 -20.10 4.72 -3.12
CA ASP A 176 -20.30 3.75 -2.04
C ASP A 176 -19.09 2.82 -1.85
N LYS A 177 -18.50 2.36 -2.95
CA LYS A 177 -17.33 1.51 -2.88
C LYS A 177 -16.11 2.31 -2.45
N ARG A 178 -16.02 3.55 -2.90
CA ARG A 178 -14.95 4.46 -2.52
C ARG A 178 -14.95 4.68 -1.00
N ALA A 179 -16.13 4.80 -0.41
CA ALA A 179 -16.25 5.00 1.04
C ALA A 179 -15.80 3.76 1.80
N LEU A 180 -16.13 2.57 1.30
CA LEU A 180 -15.65 1.34 1.94
C LEU A 180 -14.14 1.28 1.97
N LEU A 181 -13.49 1.54 0.83
CA LEU A 181 -12.04 1.52 0.81
C LEU A 181 -11.43 2.57 1.73
N THR A 182 -11.96 3.77 1.64
CA THR A 182 -11.48 4.89 2.46
C THR A 182 -11.59 4.56 3.95
N ASP A 183 -12.73 4.02 4.38
CA ASP A 183 -12.91 3.72 5.80
C ASP A 183 -11.99 2.61 6.30
N TRP A 184 -11.74 1.60 5.46
CA TRP A 184 -10.82 0.54 5.87
C TRP A 184 -9.42 1.12 6.05
N MET A 185 -8.99 1.98 5.13
CA MET A 185 -7.68 2.58 5.26
C MET A 185 -7.65 3.53 6.45
N ALA A 186 -8.78 4.19 6.72
CA ALA A 186 -8.85 5.10 7.86
C ALA A 186 -8.68 4.38 9.19
N ARG A 187 -9.12 3.13 9.22
CA ARG A 187 -9.10 2.30 10.41
C ARG A 187 -7.91 1.34 10.40
N ASN A 188 -6.93 1.60 9.55
CA ASN A 188 -5.72 0.78 9.54
C ASN A 188 -5.07 0.70 10.92
N THR A 189 -4.59 -0.49 11.29
CA THR A 189 -3.95 -0.66 12.60
C THR A 189 -2.42 -0.69 12.53
N THR A 190 -1.85 -0.70 11.32
CA THR A 190 -0.43 -1.01 11.18
C THR A 190 0.44 0.20 10.87
N GLY A 191 -0.14 1.40 10.83
CA GLY A 191 0.53 2.57 10.29
C GLY A 191 0.93 3.66 11.26
N ALA A 192 0.80 3.43 12.56
CA ALA A 192 0.98 4.51 13.53
C ALA A 192 2.37 5.13 13.52
N LYS A 193 3.37 4.35 13.10
CA LYS A 193 4.76 4.77 13.20
C LYS A 193 5.33 5.19 11.86
N ARG A 194 4.47 5.37 10.87
CA ARG A 194 4.92 5.71 9.52
C ARG A 194 4.38 7.09 9.13
N ILE A 195 3.65 7.22 8.02
CA ILE A 195 3.18 8.55 7.61
C ILE A 195 2.39 9.28 8.71
N ARG A 196 1.52 8.55 9.40
CA ARG A 196 0.77 9.10 10.52
C ARG A 196 1.65 9.81 11.52
N ALA A 197 2.83 9.25 11.78
CA ALA A 197 3.71 9.83 12.80
C ALA A 197 4.30 11.16 12.34
N GLY A 198 4.26 11.44 11.05
CA GLY A 198 4.82 12.67 10.51
C GLY A 198 3.87 13.84 10.40
N PHE A 199 2.57 13.59 10.55
CA PHE A 199 1.55 14.64 10.37
C PHE A 199 0.92 15.02 11.70
N PRO A 200 0.65 16.31 11.90
CA PRO A 200 0.01 16.72 13.15
C PRO A 200 -1.32 16.02 13.35
N ALA A 201 -1.73 15.88 14.61
CA ALA A 201 -2.93 15.15 14.98
C ALA A 201 -4.21 15.68 14.35
N ASP A 202 -4.26 16.98 14.05
CA ASP A 202 -5.44 17.55 13.42
C ASP A 202 -5.51 17.36 11.89
N TRP A 203 -4.53 16.66 11.32
CA TRP A 203 -4.64 16.17 9.94
C TRP A 203 -5.20 14.76 9.97
N LYS A 204 -6.17 14.46 9.11
CA LYS A 204 -6.68 13.10 8.94
C LYS A 204 -5.69 12.33 8.10
N VAL A 205 -5.42 11.08 8.48
CA VAL A 205 -4.52 10.22 7.71
C VAL A 205 -5.20 8.85 7.53
N ILE A 206 -5.24 8.37 6.30
CA ILE A 206 -5.66 7.00 6.01
C ILE A 206 -4.48 6.35 5.27
N ASP A 207 -4.22 5.07 5.47
CA ASP A 207 -3.00 4.54 4.87
C ASP A 207 -3.02 3.03 4.70
N LYS A 208 -2.05 2.55 3.94
CA LYS A 208 -1.77 1.13 3.84
C LYS A 208 -0.26 0.94 3.80
N THR A 209 0.24 0.16 4.74
CA THR A 209 1.68 -0.08 4.87
C THR A 209 2.14 -1.30 4.06
N GLY A 210 3.45 -1.45 3.94
CA GLY A 210 4.02 -2.72 3.49
C GLY A 210 5.39 -2.87 4.08
N THR A 211 5.79 -4.11 4.35
CA THR A 211 7.09 -4.40 4.92
C THR A 211 7.58 -5.68 4.27
N GLY A 212 8.86 -5.75 3.97
CA GLY A 212 9.38 -6.91 3.26
C GLY A 212 10.83 -7.18 3.61
N ASP A 213 11.42 -8.12 2.88
CA ASP A 213 12.81 -8.46 3.09
C ASP A 213 13.71 -7.36 2.55
N TYR A 214 15.01 -7.47 2.79
CA TYR A 214 15.95 -6.43 2.38
C TYR A 214 15.59 -5.07 2.97
N GLY A 215 15.03 -5.09 4.18
CA GLY A 215 14.75 -3.86 4.90
C GLY A 215 13.66 -3.01 4.28
N ARG A 216 12.73 -3.64 3.58
CA ARG A 216 11.68 -2.91 2.88
C ARG A 216 10.63 -2.38 3.86
N ALA A 217 10.34 -1.10 3.74
CA ALA A 217 9.26 -0.48 4.50
C ALA A 217 8.63 0.61 3.65
N ASN A 218 7.32 0.47 3.45
CA ASN A 218 6.54 1.38 2.63
C ASN A 218 5.33 1.88 3.39
N ASP A 219 4.78 3.00 2.94
CA ASP A 219 3.47 3.46 3.39
C ASP A 219 2.90 4.33 2.30
N ILE A 220 1.62 4.11 2.00
CA ILE A 220 0.90 4.96 1.05
C ILE A 220 -0.31 5.51 1.79
N ALA A 221 -0.54 6.81 1.63
CA ALA A 221 -1.57 7.47 2.42
C ALA A 221 -2.29 8.55 1.64
N VAL A 222 -3.49 8.86 2.10
CA VAL A 222 -4.12 10.13 1.76
C VAL A 222 -4.29 10.87 3.07
N VAL A 223 -3.93 12.13 3.05
CA VAL A 223 -4.01 12.99 4.25
C VAL A 223 -4.89 14.17 3.93
N TRP A 224 -5.58 14.68 4.93
CA TRP A 224 -6.38 15.89 4.75
C TRP A 224 -5.94 16.88 5.80
N SER A 225 -5.75 18.12 5.36
CA SER A 225 -5.41 19.21 6.26
C SER A 225 -6.59 19.49 7.19
N PRO A 226 -6.37 20.31 8.24
CA PRO A 226 -7.47 20.65 9.14
C PRO A 226 -8.63 21.38 8.43
N THR A 227 -8.39 21.93 7.25
CA THR A 227 -9.47 22.53 6.46
C THR A 227 -9.95 21.66 5.31
N GLY A 228 -9.57 20.38 5.33
CA GLY A 228 -10.08 19.43 4.33
C GLY A 228 -9.39 19.44 2.97
N VAL A 229 -8.16 19.94 2.88
CA VAL A 229 -7.42 19.90 1.61
C VAL A 229 -6.62 18.61 1.59
N PRO A 230 -6.85 17.74 0.58
CA PRO A 230 -6.19 16.43 0.58
C PRO A 230 -4.89 16.39 -0.21
N TYR A 231 -4.00 15.54 0.25
CA TYR A 231 -2.75 15.25 -0.44
C TYR A 231 -2.53 13.75 -0.39
N VAL A 232 -1.91 13.23 -1.43
CA VAL A 232 -1.55 11.80 -1.48
C VAL A 232 -0.06 11.70 -1.22
N VAL A 233 0.33 10.78 -0.34
CA VAL A 233 1.72 10.67 0.08
C VAL A 233 2.16 9.21 -0.07
N ALA A 234 3.17 8.98 -0.90
CA ALA A 234 3.76 7.63 -1.05
C ALA A 234 5.20 7.69 -0.62
N VAL A 235 5.55 6.85 0.35
CA VAL A 235 6.93 6.73 0.80
C VAL A 235 7.33 5.26 0.75
N MET A 236 8.47 4.99 0.13
CA MET A 236 8.94 3.61 -0.07
C MET A 236 10.41 3.57 0.30
N SER A 237 10.86 2.44 0.83
CA SER A 237 12.25 2.33 1.22
C SER A 237 12.75 0.90 1.22
N ASP A 238 14.04 0.73 0.98
CA ASP A 238 14.69 -0.57 1.21
C ASP A 238 16.11 -0.33 1.69
N ARG A 239 16.75 -1.39 2.17
CA ARG A 239 18.09 -1.32 2.74
C ARG A 239 18.92 -2.48 2.20
N ALA A 240 19.19 -2.49 0.89
CA ALA A 240 19.90 -3.59 0.24
C ALA A 240 21.23 -3.93 0.88
N GLY A 241 21.88 -2.90 1.43
CA GLY A 241 23.19 -3.06 2.05
C GLY A 241 23.19 -4.05 3.19
N GLY A 242 22.04 -4.24 3.83
CA GLY A 242 21.95 -5.21 4.92
C GLY A 242 21.58 -6.62 4.47
N GLY A 243 21.41 -6.84 3.17
CA GLY A 243 21.00 -8.16 2.67
C GLY A 243 19.57 -8.53 3.04
N TYR A 244 19.25 -9.80 2.82
CA TYR A 244 17.87 -10.29 2.95
C TYR A 244 17.25 -9.99 4.30
N ASP A 245 18.04 -10.14 5.36
CA ASP A 245 17.54 -9.99 6.72
C ASP A 245 17.69 -8.55 7.25
N ALA A 246 18.01 -7.58 6.38
CA ALA A 246 18.10 -6.19 6.84
C ALA A 246 16.80 -5.78 7.52
N GLU A 247 16.91 -5.12 8.67
CA GLU A 247 15.72 -4.70 9.40
C GLU A 247 15.01 -3.53 8.70
N PRO A 248 13.69 -3.63 8.51
CA PRO A 248 12.96 -2.47 8.03
C PRO A 248 13.02 -1.39 9.09
N ARG A 249 13.09 -0.13 8.71
CA ARG A 249 13.18 0.96 9.65
C ARG A 249 12.03 1.95 9.48
N GLU A 250 10.99 1.77 10.27
CA GLU A 250 9.82 2.64 10.20
C GLU A 250 10.15 4.10 10.41
N ALA A 251 11.13 4.37 11.27
CA ALA A 251 11.52 5.72 11.60
C ALA A 251 11.94 6.52 10.38
N LEU A 252 12.50 5.84 9.37
CA LEU A 252 12.85 6.51 8.14
C LEU A 252 11.60 7.12 7.50
N LEU A 253 10.50 6.35 7.51
CA LEU A 253 9.27 6.83 6.90
C LEU A 253 8.63 7.94 7.71
N ALA A 254 8.66 7.80 9.04
CA ALA A 254 8.14 8.84 9.94
C ALA A 254 8.88 10.16 9.72
N GLU A 255 10.21 10.09 9.61
CA GLU A 255 11.01 11.29 9.37
C GLU A 255 10.74 11.88 7.99
N ALA A 256 10.67 11.02 6.97
CA ALA A 256 10.37 11.50 5.62
C ALA A 256 9.01 12.20 5.59
N ALA A 257 8.03 11.60 6.26
CA ALA A 257 6.68 12.16 6.31
C ALA A 257 6.67 13.47 7.08
N THR A 258 7.50 13.59 8.11
CA THR A 258 7.58 14.82 8.89
C THR A 258 8.08 15.95 8.00
N CYS A 259 9.08 15.65 7.19
CA CYS A 259 9.61 16.62 6.24
C CYS A 259 8.54 17.02 5.21
N VAL A 260 7.82 16.06 4.65
CA VAL A 260 6.74 16.37 3.72
C VAL A 260 5.67 17.24 4.40
N ALA A 261 5.25 16.86 5.60
CA ALA A 261 4.25 17.63 6.35
C ALA A 261 4.67 19.07 6.59
N GLY A 262 5.96 19.29 6.83
CA GLY A 262 6.48 20.63 7.07
C GLY A 262 6.29 21.49 5.83
N VAL A 263 6.44 20.89 4.65
CA VAL A 263 6.27 21.60 3.38
C VAL A 263 4.78 21.86 3.07
N LEU A 264 3.93 20.89 3.39
CA LEU A 264 2.49 21.00 3.10
C LEU A 264 1.71 21.86 4.10
N ALA A 265 2.29 22.10 5.27
CA ALA A 265 1.67 22.96 6.30
C ALA A 265 1.48 24.43 5.87
#